data_2W3Q
#
_entry.id   2W3Q
#
_cell.length_a   55.190
_cell.length_b   55.190
_cell.length_c   134.590
_cell.angle_alpha   90.00
_cell.angle_beta   90.00
_cell.angle_gamma   120.00
#
_symmetry.space_group_name_H-M   'P 31 2 1'
#
loop_
_entity.id
_entity.type
_entity.pdbx_description
1 polymer 'CARBONIC ANHYDRASE 2'
2 non-polymer 'ZINC ION'
3 non-polymer 'CHLORIDE ION'
4 water water
#
_entity_poly.entity_id   1
_entity_poly.type   'polypeptide(L)'
_entity_poly.pdbx_seq_one_letter_code
;PLGSMPFHAEPLKPSDEIDMDLGHSVAAQKFKEIREVLEGNRYWARKVTSEEPEFMAEQVKGQAPNFLWIGCADSRVPEV
TIMARKPGDVFVQRNVANQFKPEDDSSQALLNYAIMNVGVTHVMVVGHTGCGGCIAAFDQPLPTEENPGGTPLVRYLEPI
IRLKHSLPEGSDVNDLIKENVKMAVKNVVNSPTIQGAWEQARKGEFREVFVHGWLYDLSTGNIVDLNVTQGPHPFVDDRV
PRA
;
_entity_poly.pdbx_strand_id   A
#
loop_
_chem_comp.id
_chem_comp.type
_chem_comp.name
_chem_comp.formula
CL non-polymer 'CHLORIDE ION' 'Cl -1'
ZN non-polymer 'ZINC ION' 'Zn 2'
#
# COMPACT_ATOMS: atom_id res chain seq x y z
N PRO A 1 -30.59 48.40 20.72
CA PRO A 1 -29.42 47.53 20.68
C PRO A 1 -28.18 48.26 20.22
N LEU A 2 -27.05 47.87 20.75
CA LEU A 2 -25.74 48.38 20.38
C LEU A 2 -25.29 47.86 19.03
N GLY A 3 -25.83 48.40 17.95
CA GLY A 3 -25.54 47.89 16.62
C GLY A 3 -26.46 46.74 16.25
N SER A 4 -26.24 46.15 15.07
CA SER A 4 -27.15 45.13 14.54
C SER A 4 -26.89 43.72 15.07
N MET A 5 -25.65 43.41 15.47
CA MET A 5 -25.36 42.07 15.99
C MET A 5 -24.56 42.11 17.28
N PRO A 6 -25.06 42.81 18.29
CA PRO A 6 -24.28 43.09 19.49
C PRO A 6 -24.03 41.89 20.40
N PHE A 7 -24.69 40.78 20.16
CA PHE A 7 -24.60 39.58 20.95
C PHE A 7 -24.26 38.36 20.13
N HIS A 8 -23.80 38.55 18.90
CA HIS A 8 -23.48 37.44 18.02
C HIS A 8 -22.18 36.76 18.44
N ALA A 9 -22.27 35.43 18.62
CA ALA A 9 -21.12 34.62 18.98
C ALA A 9 -20.32 34.23 17.75
N GLU A 10 -19.00 34.23 17.90
CA GLU A 10 -18.12 33.73 16.86
C GLU A 10 -17.66 32.35 17.29
N PRO A 11 -17.50 31.39 16.37
CA PRO A 11 -16.94 30.10 16.79
C PRO A 11 -15.53 30.24 17.32
N LEU A 12 -15.08 29.31 18.15
CA LEU A 12 -13.66 29.38 18.52
C LEU A 12 -12.81 29.12 17.30
N LYS A 13 -11.62 29.70 17.28
CA LYS A 13 -10.74 29.40 16.14
C LYS A 13 -10.45 27.91 16.00
N PRO A 14 -10.38 27.39 14.78
CA PRO A 14 -10.00 26.00 14.58
C PRO A 14 -8.73 25.60 15.31
N SER A 15 -7.72 26.45 15.33
CA SER A 15 -6.48 26.01 15.99
C SER A 15 -6.71 25.81 17.48
N ASP A 16 -7.62 26.61 18.06
CA ASP A 16 -7.86 26.50 19.50
C ASP A 16 -8.65 25.24 19.77
N GLU A 17 -9.61 24.98 18.89
CA GLU A 17 -10.40 23.78 19.05
C GLU A 17 -9.54 22.54 18.91
N ILE A 18 -8.63 22.58 17.96
CA ILE A 18 -7.79 21.40 17.74
C ILE A 18 -6.83 21.20 18.91
N ASP A 19 -6.29 22.29 19.44
CA ASP A 19 -5.40 22.17 20.59
C ASP A 19 -6.15 21.51 21.73
N MET A 20 -7.40 21.96 21.91
CA MET A 20 -8.10 21.34 23.03
C MET A 20 -8.37 19.87 22.75
N ASP A 21 -8.75 19.56 21.52
CA ASP A 21 -8.98 18.16 21.14
C ASP A 21 -7.76 17.29 21.31
N LEU A 22 -6.59 17.87 21.12
CA LEU A 22 -5.38 17.04 21.29
C LEU A 22 -4.88 16.98 22.71
N GLY A 23 -5.55 17.65 23.62
CA GLY A 23 -5.21 17.62 25.03
C GLY A 23 -5.22 16.20 25.57
N HIS A 24 -6.04 15.37 24.96
CA HIS A 24 -6.08 13.99 25.44
C HIS A 24 -4.75 13.30 25.23
N SER A 25 -3.98 13.72 24.26
CA SER A 25 -2.74 13.05 23.92
C SER A 25 -1.52 13.52 24.72
N VAL A 26 -0.88 12.74 25.55
CA VAL A 26 0.28 12.91 26.39
C VAL A 26 1.41 13.20 25.42
N ALA A 27 1.59 12.28 24.45
CA ALA A 27 2.72 12.48 23.53
C ALA A 27 2.59 13.74 22.73
N ALA A 28 1.41 14.17 22.32
CA ALA A 28 1.32 15.43 21.55
C ALA A 28 1.86 16.58 22.37
N GLN A 29 1.79 16.52 23.70
CA GLN A 29 2.26 17.61 24.49
C GLN A 29 3.77 17.60 24.59
N LYS A 30 4.38 16.46 24.35
CA LYS A 30 5.80 16.23 24.50
C LYS A 30 6.64 16.37 23.25
N PHE A 31 6.06 16.04 22.12
CA PHE A 31 6.73 16.01 20.83
C PHE A 31 5.98 16.87 19.82
N LYS A 32 6.64 17.96 19.46
CA LYS A 32 6.09 18.84 18.42
C LYS A 32 5.79 18.03 17.16
N GLU A 33 6.62 17.06 16.76
CA GLU A 33 6.41 16.30 15.55
C GLU A 33 5.16 15.42 15.64
N ILE A 34 4.81 15.01 16.85
CA ILE A 34 3.58 14.24 17.01
C ILE A 34 2.35 15.13 16.98
N ARG A 35 2.47 16.27 17.65
CA ARG A 35 1.38 17.24 17.58
C ARG A 35 1.09 17.63 16.14
N GLU A 36 2.14 17.87 15.35
CA GLU A 36 2.03 18.19 13.92
C GLU A 36 1.23 17.17 13.11
N VAL A 37 1.60 15.89 13.25
CA VAL A 37 0.86 14.93 12.44
C VAL A 37 -0.58 14.79 12.93
N LEU A 38 -0.82 14.92 14.23
CA LEU A 38 -2.22 14.83 14.72
C LEU A 38 -3.00 16.05 14.32
N GLU A 39 -2.35 17.20 14.29
CA GLU A 39 -3.06 18.38 13.77
C GLU A 39 -3.47 18.23 12.31
N GLY A 40 -2.55 17.63 11.53
CA GLY A 40 -2.79 17.35 10.14
C GLY A 40 -4.06 16.53 9.96
N ASN A 41 -4.11 15.51 10.80
CA ASN A 41 -5.32 14.71 10.77
C ASN A 41 -6.58 15.44 11.13
N ARG A 42 -6.53 16.25 12.19
CA ARG A 42 -7.71 16.97 12.64
C ARG A 42 -8.14 18.00 11.59
N TYR A 43 -7.23 18.71 10.92
CA TYR A 43 -7.72 19.56 9.84
C TYR A 43 -8.34 18.77 8.71
N TRP A 44 -7.75 17.62 8.37
CA TRP A 44 -8.32 16.77 7.33
C TRP A 44 -9.70 16.30 7.70
N ALA A 45 -9.84 15.80 8.92
CA ALA A 45 -11.11 15.28 9.40
C ALA A 45 -12.17 16.37 9.40
N ARG A 46 -11.80 17.57 9.79
CA ARG A 46 -12.79 18.66 9.87
C ARG A 46 -13.33 19.02 8.49
N LYS A 47 -12.40 19.05 7.53
CA LYS A 47 -12.73 19.33 6.14
C LYS A 47 -13.57 18.22 5.52
N VAL A 48 -13.20 16.95 5.67
CA VAL A 48 -13.98 15.92 4.98
C VAL A 48 -15.37 15.74 5.53
N THR A 49 -15.44 15.89 6.85
CA THR A 49 -16.75 15.67 7.47
C THR A 49 -17.65 16.86 7.28
N SER A 50 -17.07 18.05 7.03
CA SER A 50 -18.00 19.14 6.73
C SER A 50 -18.32 19.19 5.25
N GLU A 51 -17.43 18.73 4.36
CA GLU A 51 -17.68 18.77 2.93
C GLU A 51 -18.09 17.48 2.25
N GLU A 52 -17.84 16.33 2.85
CA GLU A 52 -18.28 15.05 2.31
C GLU A 52 -18.84 14.12 3.38
N PRO A 53 -19.82 14.48 4.17
CA PRO A 53 -20.28 13.56 5.21
C PRO A 53 -20.90 12.28 4.64
N GLU A 54 -21.49 12.36 3.47
CA GLU A 54 -22.07 11.16 2.89
C GLU A 54 -20.95 10.14 2.73
N PHE A 55 -19.82 10.66 2.31
CA PHE A 55 -18.74 9.71 1.99
C PHE A 55 -18.25 9.07 3.29
N MET A 56 -18.13 9.88 4.33
CA MET A 56 -17.67 9.30 5.61
C MET A 56 -18.69 8.31 6.17
N ALA A 57 -19.96 8.59 6.01
CA ALA A 57 -20.92 7.60 6.53
C ALA A 57 -20.95 6.32 5.69
N GLU A 58 -20.63 6.40 4.41
CA GLU A 58 -20.55 5.20 3.61
C GLU A 58 -19.37 4.37 4.07
N GLN A 59 -18.25 5.06 4.36
CA GLN A 59 -17.09 4.30 4.77
C GLN A 59 -17.33 3.59 6.12
N VAL A 60 -18.11 4.13 7.02
CA VAL A 60 -18.41 3.42 8.28
C VAL A 60 -19.05 2.08 8.04
N LYS A 61 -19.83 1.95 6.98
CA LYS A 61 -20.63 0.75 6.80
C LYS A 61 -19.84 -0.46 6.38
N GLY A 62 -18.75 -0.26 5.66
CA GLY A 62 -17.96 -1.40 5.21
C GLY A 62 -17.01 -0.96 4.11
N GLN A 63 -16.44 -1.94 3.45
CA GLN A 63 -15.45 -1.73 2.39
C GLN A 63 -15.65 -2.81 1.34
N ALA A 64 -15.46 -2.39 0.11
CA ALA A 64 -15.54 -3.26 -1.07
C ALA A 64 -14.51 -2.81 -2.11
N PRO A 65 -13.23 -2.79 -1.76
CA PRO A 65 -12.21 -2.39 -2.75
C PRO A 65 -12.06 -3.49 -3.81
N ASN A 66 -11.75 -3.03 -5.04
CA ASN A 66 -11.53 -3.96 -6.12
C ASN A 66 -10.09 -4.37 -6.28
N PHE A 67 -9.18 -3.73 -5.58
CA PHE A 67 -7.75 -3.91 -5.70
C PHE A 67 -7.08 -4.26 -4.38
N LEU A 68 -6.07 -5.12 -4.54
CA LEU A 68 -5.09 -5.36 -3.50
C LEU A 68 -3.72 -4.87 -4.03
N TRP A 69 -3.13 -3.93 -3.33
CA TRP A 69 -1.80 -3.42 -3.58
C TRP A 69 -0.77 -4.07 -2.67
N ILE A 70 0.19 -4.75 -3.24
CA ILE A 70 1.33 -5.37 -2.55
C ILE A 70 2.53 -4.52 -2.93
N GLY A 71 2.91 -3.66 -1.97
CA GLY A 71 3.90 -2.65 -2.25
C GLY A 71 4.95 -2.53 -1.19
N CYS A 72 5.90 -1.63 -1.38
CA CYS A 72 6.98 -1.39 -0.45
C CYS A 72 6.56 -0.41 0.65
N ALA A 73 7.18 -0.62 1.80
CA ALA A 73 7.08 0.24 2.96
C ALA A 73 7.62 1.65 2.74
N ASP A 74 8.46 1.84 1.76
CA ASP A 74 9.07 3.12 1.46
C ASP A 74 8.08 4.26 1.56
N SER A 75 8.48 5.29 2.30
CA SER A 75 7.62 6.41 2.59
C SER A 75 7.23 7.19 1.35
N ARG A 76 7.93 6.98 0.24
CA ARG A 76 7.65 7.76 -0.96
C ARG A 76 6.61 7.11 -1.83
N VAL A 77 6.05 5.97 -1.38
CA VAL A 77 5.07 5.27 -2.21
C VAL A 77 3.75 4.99 -1.52
N PRO A 78 3.04 6.04 -1.09
CA PRO A 78 1.66 5.90 -0.58
C PRO A 78 0.65 5.71 -1.70
N GLU A 79 0.04 4.54 -1.73
CA GLU A 79 -0.73 4.10 -2.87
C GLU A 79 -1.91 5.01 -3.19
N VAL A 80 -2.67 5.45 -2.19
CA VAL A 80 -3.88 6.24 -2.47
C VAL A 80 -3.53 7.59 -3.05
N THR A 81 -2.44 8.17 -2.53
CA THR A 81 -1.96 9.45 -3.03
C THR A 81 -1.51 9.39 -4.46
N ILE A 82 -0.61 8.44 -4.77
CA ILE A 82 -0.04 8.44 -6.12
C ILE A 82 -1.01 7.91 -7.17
N MET A 83 -2.11 7.25 -6.84
CA MET A 83 -3.15 6.88 -7.78
C MET A 83 -4.35 7.81 -7.76
N ALA A 84 -4.29 8.85 -6.93
CA ALA A 84 -5.39 9.82 -6.70
C ALA A 84 -6.69 9.08 -6.45
N ARG A 85 -6.62 8.15 -5.49
CA ARG A 85 -7.76 7.37 -5.03
C ARG A 85 -8.34 7.95 -3.74
N LYS A 86 -9.34 7.28 -3.19
CA LYS A 86 -9.97 7.64 -1.95
C LYS A 86 -9.89 6.47 -0.98
N PRO A 87 -10.08 6.76 0.31
CA PRO A 87 -10.33 5.65 1.24
C PRO A 87 -11.44 4.75 0.71
N GLY A 88 -11.30 3.45 0.78
CA GLY A 88 -12.27 2.47 0.31
C GLY A 88 -11.90 1.84 -0.99
N ASP A 89 -10.86 2.32 -1.66
CA ASP A 89 -10.57 1.85 -3.01
C ASP A 89 -9.53 0.74 -3.10
N VAL A 90 -8.57 0.72 -2.19
CA VAL A 90 -7.38 -0.14 -2.32
C VAL A 90 -7.05 -0.82 -1.00
N PHE A 91 -7.13 -2.13 -0.92
CA PHE A 91 -6.67 -2.95 0.18
C PHE A 91 -5.16 -3.08 0.04
N VAL A 92 -4.43 -2.99 1.17
CA VAL A 92 -2.97 -2.85 1.04
C VAL A 92 -2.14 -3.74 1.92
N GLN A 93 -1.12 -4.37 1.35
CA GLN A 93 0.00 -4.93 2.06
C GLN A 93 1.25 -4.12 1.74
N ARG A 94 1.96 -3.68 2.75
CA ARG A 94 3.25 -3.02 2.51
C ARG A 94 4.29 -3.64 3.44
N ASN A 95 5.42 -3.96 2.83
CA ASN A 95 6.54 -4.58 3.54
C ASN A 95 7.82 -4.15 2.85
N VAL A 96 8.98 -4.60 3.33
CA VAL A 96 10.22 -4.12 2.75
C VAL A 96 10.44 -4.79 1.39
N ALA A 97 10.55 -3.95 0.37
CA ALA A 97 10.84 -4.39 -0.98
C ALA A 97 9.76 -5.26 -1.58
N ASN A 98 8.50 -5.07 -1.16
CA ASN A 98 7.33 -5.62 -1.82
C ASN A 98 7.51 -7.11 -2.19
N GLN A 99 7.92 -7.88 -1.20
CA GLN A 99 8.03 -9.34 -1.35
C GLN A 99 6.70 -9.98 -0.94
N PHE A 100 6.45 -11.06 -1.66
CA PHE A 100 5.36 -11.98 -1.31
C PHE A 100 6.03 -13.36 -1.16
N LYS A 101 6.44 -13.65 0.07
CA LYS A 101 7.19 -14.87 0.33
C LYS A 101 6.23 -16.03 0.54
N PRO A 102 6.36 -17.10 -0.23
CA PRO A 102 5.44 -18.24 -0.06
C PRO A 102 5.36 -18.76 1.36
N GLU A 103 6.47 -18.83 2.10
CA GLU A 103 6.50 -19.32 3.46
C GLU A 103 5.94 -18.34 4.49
N ASP A 104 5.59 -17.12 4.08
CA ASP A 104 5.09 -16.18 5.08
C ASP A 104 3.59 -16.35 5.32
N ASP A 105 3.23 -17.01 6.42
CA ASP A 105 1.83 -17.26 6.72
C ASP A 105 1.02 -15.98 6.83
N SER A 106 1.61 -14.90 7.35
CA SER A 106 0.81 -13.68 7.42
C SER A 106 0.49 -13.11 6.03
N SER A 107 1.39 -13.23 5.07
CA SER A 107 1.12 -12.75 3.74
C SER A 107 0.12 -13.63 3.04
N GLN A 108 0.28 -14.95 3.24
CA GLN A 108 -0.72 -15.85 2.66
C GLN A 108 -2.12 -15.61 3.23
N ALA A 109 -2.21 -15.34 4.52
CA ALA A 109 -3.49 -15.04 5.11
C ALA A 109 -4.12 -13.76 4.56
N LEU A 110 -3.29 -12.76 4.37
CA LEU A 110 -3.79 -11.50 3.83
C LEU A 110 -4.34 -11.72 2.42
N LEU A 111 -3.59 -12.45 1.58
CA LEU A 111 -4.05 -12.69 0.22
C LEU A 111 -5.33 -13.50 0.22
N ASN A 112 -5.38 -14.55 1.07
CA ASN A 112 -6.60 -15.35 1.09
C ASN A 112 -7.82 -14.55 1.51
N TYR A 113 -7.63 -13.72 2.54
CA TYR A 113 -8.68 -12.86 3.04
C TYR A 113 -9.11 -11.85 2.00
N ALA A 114 -8.14 -11.26 1.31
CA ALA A 114 -8.48 -10.29 0.27
C ALA A 114 -9.37 -10.85 -0.81
N ILE A 115 -9.00 -12.07 -1.25
CA ILE A 115 -9.74 -12.71 -2.34
C ILE A 115 -11.04 -13.34 -1.88
N MET A 116 -10.97 -14.09 -0.78
CA MET A 116 -12.14 -14.88 -0.39
C MET A 116 -13.15 -14.06 0.40
N ASN A 117 -12.73 -13.05 1.18
CA ASN A 117 -13.65 -12.29 2.01
C ASN A 117 -13.85 -10.83 1.59
N VAL A 118 -12.74 -10.11 1.35
CA VAL A 118 -12.86 -8.69 0.99
C VAL A 118 -13.47 -8.52 -0.39
N GLY A 119 -13.13 -9.39 -1.34
CA GLY A 119 -13.71 -9.47 -2.67
C GLY A 119 -12.90 -8.79 -3.74
N VAL A 120 -11.58 -8.61 -3.53
CA VAL A 120 -10.80 -7.96 -4.57
C VAL A 120 -10.74 -8.80 -5.86
N THR A 121 -10.64 -8.08 -7.01
CA THR A 121 -10.56 -8.73 -8.32
C THR A 121 -9.13 -8.68 -8.88
N HIS A 122 -8.39 -7.64 -8.57
CA HIS A 122 -7.06 -7.38 -9.10
C HIS A 122 -6.03 -7.23 -8.00
N VAL A 123 -4.93 -7.94 -8.17
CA VAL A 123 -3.84 -7.90 -7.21
C VAL A 123 -2.66 -7.29 -7.96
N MET A 124 -2.16 -6.16 -7.49
CA MET A 124 -1.01 -5.52 -8.12
C MET A 124 0.18 -5.57 -7.17
N VAL A 125 1.27 -6.19 -7.64
CA VAL A 125 2.53 -6.00 -6.97
C VAL A 125 3.19 -4.78 -7.60
N VAL A 126 3.55 -3.83 -6.76
CA VAL A 126 4.09 -2.53 -7.19
C VAL A 126 5.44 -2.31 -6.54
N GLY A 127 6.45 -2.33 -7.38
CA GLY A 127 7.82 -1.99 -6.97
C GLY A 127 8.05 -0.51 -7.30
N HIS A 128 9.24 0.00 -7.01
CA HIS A 128 9.48 1.41 -7.25
C HIS A 128 10.96 1.67 -7.41
N THR A 129 11.29 2.69 -8.20
CA THR A 129 12.71 3.04 -8.32
C THR A 129 13.24 3.58 -7.00
N GLY A 130 14.53 3.46 -6.75
CA GLY A 130 15.11 3.91 -5.49
C GLY A 130 14.80 2.98 -4.35
N CYS A 131 14.47 1.74 -4.61
CA CYS A 131 14.10 0.80 -3.54
C CYS A 131 15.33 0.38 -2.77
N GLY A 132 15.37 0.75 -1.49
CA GLY A 132 16.51 0.47 -0.66
C GLY A 132 16.84 -0.98 -0.47
N GLY A 133 15.83 -1.85 -0.36
CA GLY A 133 16.13 -3.26 -0.21
C GLY A 133 16.79 -3.83 -1.44
N CYS A 134 16.26 -3.38 -2.60
CA CYS A 134 16.87 -3.83 -3.85
C CYS A 134 18.27 -3.25 -4.03
N ILE A 135 18.49 -1.98 -3.72
CA ILE A 135 19.81 -1.37 -3.81
C ILE A 135 20.77 -2.12 -2.92
N ALA A 136 20.28 -2.47 -1.73
CA ALA A 136 21.17 -3.21 -0.82
C ALA A 136 21.47 -4.59 -1.39
N ALA A 137 20.43 -5.22 -1.92
CA ALA A 137 20.58 -6.61 -2.41
C ALA A 137 21.58 -6.66 -3.57
N PHE A 138 21.60 -5.57 -4.32
CA PHE A 138 22.34 -5.55 -5.57
C PHE A 138 23.83 -5.76 -5.38
N ASP A 139 24.35 -5.40 -4.23
CA ASP A 139 25.78 -5.54 -3.94
C ASP A 139 26.11 -6.63 -2.94
N GLN A 140 25.17 -7.48 -2.54
CA GLN A 140 25.50 -8.50 -1.57
C GLN A 140 25.98 -9.80 -2.19
N PRO A 141 26.93 -10.49 -1.54
CA PRO A 141 27.21 -11.86 -1.94
C PRO A 141 26.05 -12.78 -1.56
N LEU A 142 26.11 -13.93 -2.23
CA LEU A 142 25.10 -14.94 -2.04
C LEU A 142 25.25 -15.47 -0.62
N PRO A 143 24.17 -15.77 0.06
CA PRO A 143 24.37 -16.23 1.43
C PRO A 143 24.59 -17.74 1.52
N GLY A 149 23.89 -14.84 6.08
CA GLY A 149 23.36 -13.55 6.40
C GLY A 149 23.57 -12.83 7.69
N GLY A 150 24.29 -11.70 7.66
CA GLY A 150 24.71 -10.96 8.82
C GLY A 150 23.81 -9.98 9.50
N THR A 151 22.74 -9.50 8.91
CA THR A 151 21.80 -8.63 9.62
C THR A 151 20.40 -9.17 9.39
N PRO A 152 19.39 -8.75 10.15
CA PRO A 152 18.01 -9.16 9.80
C PRO A 152 17.71 -8.77 8.36
N LEU A 153 18.12 -7.59 7.95
CA LEU A 153 17.79 -7.14 6.62
C LEU A 153 18.38 -8.08 5.58
N VAL A 154 19.66 -8.38 5.70
CA VAL A 154 20.29 -9.20 4.65
C VAL A 154 19.66 -10.56 4.60
N ARG A 155 19.32 -11.11 5.77
CA ARG A 155 18.67 -12.41 5.73
C ARG A 155 17.31 -12.32 5.05
N TYR A 156 16.60 -11.23 5.37
CA TYR A 156 15.28 -10.99 4.78
C TYR A 156 15.35 -10.84 3.27
N LEU A 157 16.43 -10.24 2.82
CA LEU A 157 16.56 -9.96 1.40
C LEU A 157 17.10 -11.15 0.60
N GLU A 158 17.37 -12.28 1.23
CA GLU A 158 17.95 -13.42 0.53
C GLU A 158 17.33 -13.74 -0.80
N PRO A 159 16.01 -13.75 -0.95
CA PRO A 159 15.45 -14.06 -2.28
C PRO A 159 15.78 -13.02 -3.34
N ILE A 160 15.91 -11.76 -2.97
CA ILE A 160 16.27 -10.72 -3.95
C ILE A 160 17.75 -10.81 -4.27
N ILE A 161 18.57 -11.14 -3.30
CA ILE A 161 20.01 -11.37 -3.55
C ILE A 161 20.21 -12.52 -4.53
N ARG A 162 19.49 -13.61 -4.23
CA ARG A 162 19.60 -14.76 -5.12
C ARG A 162 19.13 -14.38 -6.51
N LEU A 163 18.03 -13.64 -6.68
CA LEU A 163 17.59 -13.20 -7.99
C LEU A 163 18.66 -12.38 -8.67
N LYS A 164 19.28 -11.44 -7.93
CA LYS A 164 20.31 -10.63 -8.53
C LYS A 164 21.42 -11.49 -9.14
N HIS A 165 21.80 -12.52 -8.39
CA HIS A 165 22.92 -13.36 -8.83
C HIS A 165 22.53 -14.16 -10.08
N SER A 166 21.24 -14.27 -10.35
CA SER A 166 20.77 -15.00 -11.54
C SER A 166 20.56 -14.12 -12.76
N LEU A 167 20.59 -12.80 -12.55
CA LEU A 167 20.39 -11.90 -13.69
C LEU A 167 21.62 -11.77 -14.55
N PRO A 168 21.41 -11.45 -15.82
CA PRO A 168 22.54 -11.36 -16.71
C PRO A 168 23.45 -10.19 -16.36
N GLU A 169 24.67 -10.42 -16.85
CA GLU A 169 25.71 -9.44 -16.89
C GLU A 169 25.13 -8.15 -17.47
N GLY A 170 25.39 -7.07 -16.75
CA GLY A 170 24.99 -5.79 -17.28
C GLY A 170 23.68 -5.30 -16.67
N SER A 171 22.97 -6.18 -15.97
CA SER A 171 21.74 -5.74 -15.34
C SER A 171 22.03 -4.63 -14.33
N ASP A 172 21.14 -3.63 -14.33
CA ASP A 172 21.32 -2.52 -13.37
C ASP A 172 20.32 -2.64 -12.23
N VAL A 173 20.33 -1.67 -11.32
CA VAL A 173 19.47 -1.68 -10.14
C VAL A 173 18.00 -1.74 -10.58
N ASN A 174 17.63 -0.95 -11.59
CA ASN A 174 16.23 -0.95 -11.99
C ASN A 174 15.81 -2.23 -12.64
N ASP A 175 16.77 -2.91 -13.27
CA ASP A 175 16.48 -4.26 -13.77
C ASP A 175 16.17 -5.19 -12.61
N LEU A 176 16.95 -5.08 -11.53
CA LEU A 176 16.63 -5.95 -10.37
C LEU A 176 15.28 -5.59 -9.76
N ILE A 177 14.96 -4.31 -9.67
CA ILE A 177 13.70 -3.90 -9.08
C ILE A 177 12.54 -4.46 -9.89
N LYS A 178 12.64 -4.35 -11.21
CA LYS A 178 11.62 -4.90 -12.09
C LYS A 178 11.49 -6.42 -11.96
N GLU A 179 12.60 -7.12 -11.96
CA GLU A 179 12.59 -8.58 -11.83
C GLU A 179 12.07 -8.99 -10.46
N ASN A 180 12.33 -8.15 -9.46
CA ASN A 180 11.79 -8.44 -8.11
C ASN A 180 10.29 -8.34 -8.13
N VAL A 181 9.72 -7.38 -8.80
CA VAL A 181 8.25 -7.32 -9.01
C VAL A 181 7.76 -8.61 -9.64
N LYS A 182 8.41 -9.04 -10.72
CA LYS A 182 7.96 -10.21 -11.46
C LYS A 182 8.06 -11.46 -10.61
N MET A 183 9.09 -11.52 -9.76
CA MET A 183 9.24 -12.64 -8.85
C MET A 183 8.08 -12.69 -7.87
N ALA A 184 7.72 -11.52 -7.34
CA ALA A 184 6.60 -11.51 -6.37
C ALA A 184 5.29 -11.88 -7.04
N VAL A 185 5.08 -11.41 -8.27
CA VAL A 185 3.88 -11.76 -9.02
C VAL A 185 3.81 -13.27 -9.14
N LYS A 186 4.92 -13.92 -9.50
CA LYS A 186 4.95 -15.40 -9.62
C LYS A 186 4.61 -16.06 -8.30
N ASN A 187 5.12 -15.54 -7.18
CA ASN A 187 4.81 -16.11 -5.88
C ASN A 187 3.34 -15.92 -5.54
N VAL A 188 2.73 -14.78 -5.89
CA VAL A 188 1.29 -14.59 -5.69
C VAL A 188 0.52 -15.58 -6.56
N VAL A 189 0.91 -15.68 -7.83
CA VAL A 189 0.20 -16.59 -8.71
C VAL A 189 0.22 -18.05 -8.24
N ASN A 190 1.36 -18.46 -7.68
CA ASN A 190 1.55 -19.83 -7.25
C ASN A 190 0.94 -20.13 -5.90
N SER A 191 0.34 -19.12 -5.27
CA SER A 191 -0.22 -19.30 -3.94
C SER A 191 -1.39 -20.26 -4.00
N PRO A 192 -1.63 -20.98 -2.91
CA PRO A 192 -2.87 -21.78 -2.89
C PRO A 192 -4.12 -20.95 -3.12
N THR A 193 -4.14 -19.71 -2.65
CA THR A 193 -5.30 -18.83 -2.85
C THR A 193 -5.62 -18.62 -4.32
N ILE A 194 -4.61 -18.18 -5.08
CA ILE A 194 -4.85 -17.85 -6.47
C ILE A 194 -5.06 -19.10 -7.27
N GLN A 195 -4.25 -20.13 -7.03
CA GLN A 195 -4.45 -21.37 -7.79
C GLN A 195 -5.87 -21.88 -7.55
N GLY A 196 -6.36 -21.80 -6.32
CA GLY A 196 -7.70 -22.23 -6.00
C GLY A 196 -8.77 -21.38 -6.65
N ALA A 197 -8.60 -20.06 -6.59
CA ALA A 197 -9.54 -19.14 -7.21
C ALA A 197 -9.60 -19.34 -8.72
N TRP A 198 -8.47 -19.54 -9.35
CA TRP A 198 -8.50 -19.79 -10.79
C TRP A 198 -9.21 -21.08 -11.15
N GLU A 199 -8.97 -22.14 -10.39
CA GLU A 199 -9.70 -23.35 -10.72
C GLU A 199 -11.21 -23.19 -10.54
N GLN A 200 -11.60 -22.47 -9.50
CA GLN A 200 -13.04 -22.26 -9.32
C GLN A 200 -13.59 -21.40 -10.45
N ALA A 201 -12.87 -20.37 -10.90
CA ALA A 201 -13.37 -19.55 -11.99
C ALA A 201 -13.56 -20.35 -13.27
N ARG A 202 -12.61 -21.27 -13.53
CA ARG A 202 -12.69 -22.08 -14.72
C ARG A 202 -13.93 -22.96 -14.71
N LYS A 203 -14.41 -23.22 -13.51
CA LYS A 203 -15.57 -24.08 -13.22
C LYS A 203 -16.84 -23.24 -13.27
N GLY A 204 -16.66 -21.92 -13.36
CA GLY A 204 -17.76 -20.97 -13.31
C GLY A 204 -18.31 -20.85 -11.90
N GLU A 205 -17.48 -21.14 -10.92
CA GLU A 205 -17.94 -21.08 -9.54
C GLU A 205 -17.35 -19.85 -8.85
N PHE A 206 -16.68 -18.91 -9.50
CA PHE A 206 -16.05 -17.80 -8.82
C PHE A 206 -15.64 -16.77 -9.85
N ARG A 207 -15.56 -15.50 -9.49
CA ARG A 207 -15.12 -14.52 -10.48
C ARG A 207 -13.68 -14.73 -10.92
N GLU A 208 -13.35 -14.22 -12.11
CA GLU A 208 -11.92 -14.23 -12.47
C GLU A 208 -11.14 -13.25 -11.63
N VAL A 209 -10.00 -13.63 -11.13
CA VAL A 209 -9.09 -12.72 -10.42
C VAL A 209 -7.75 -12.68 -11.16
N PHE A 210 -7.13 -11.51 -11.16
CA PHE A 210 -5.95 -11.21 -11.95
C PHE A 210 -4.82 -10.66 -11.10
N VAL A 211 -3.60 -11.00 -11.51
CA VAL A 211 -2.40 -10.57 -10.81
C VAL A 211 -1.57 -9.77 -11.79
N HIS A 212 -1.07 -8.62 -11.39
CA HIS A 212 -0.34 -7.68 -12.23
C HIS A 212 0.96 -7.27 -11.58
N GLY A 213 1.91 -6.82 -12.41
CA GLY A 213 3.13 -6.29 -11.93
C GLY A 213 3.39 -4.89 -12.45
N TRP A 214 3.57 -3.96 -11.54
CA TRP A 214 3.73 -2.56 -11.82
C TRP A 214 5.01 -2.01 -11.22
N LEU A 215 5.48 -0.89 -11.78
CA LEU A 215 6.63 -0.18 -11.30
C LEU A 215 6.35 1.31 -11.15
N TYR A 216 6.54 1.84 -9.96
CA TYR A 216 6.38 3.27 -9.75
C TYR A 216 7.71 3.98 -9.96
N ASP A 217 7.74 4.88 -10.95
CA ASP A 217 8.96 5.63 -11.32
C ASP A 217 9.03 6.93 -10.56
N LEU A 218 9.83 7.01 -9.52
CA LEU A 218 9.86 8.22 -8.68
C LEU A 218 10.29 9.44 -9.47
N SER A 219 11.01 9.26 -10.58
CA SER A 219 11.53 10.40 -11.36
C SER A 219 10.44 11.10 -12.16
N THR A 220 9.33 10.44 -12.43
CA THR A 220 8.26 11.05 -13.21
C THR A 220 6.91 11.01 -12.49
N GLY A 221 6.76 10.26 -11.41
CA GLY A 221 5.50 10.06 -10.73
C GLY A 221 4.61 9.07 -11.47
N ASN A 222 5.08 8.47 -12.55
CA ASN A 222 4.29 7.56 -13.31
C ASN A 222 4.42 6.10 -12.86
N ILE A 223 3.42 5.28 -12.78
CA ILE A 223 3.22 3.90 -12.68
C ILE A 223 3.30 3.35 -14.12
N VAL A 224 4.26 2.41 -14.25
CA VAL A 224 4.36 1.69 -15.51
C VAL A 224 3.95 0.23 -15.32
N ASP A 225 3.16 -0.28 -16.22
CA ASP A 225 2.77 -1.68 -16.25
C ASP A 225 3.90 -2.52 -16.86
N LEU A 226 4.42 -3.48 -16.11
CA LEU A 226 5.44 -4.40 -16.59
C LEU A 226 4.92 -5.50 -17.52
N ASN A 227 3.62 -5.57 -17.69
CA ASN A 227 2.97 -6.52 -18.56
C ASN A 227 3.29 -7.98 -18.29
N VAL A 228 3.02 -8.29 -17.02
CA VAL A 228 3.16 -9.67 -16.56
C VAL A 228 1.85 -10.17 -15.98
N THR A 229 0.75 -9.62 -16.46
CA THR A 229 -0.55 -9.98 -15.90
C THR A 229 -0.94 -11.44 -16.19
N GLN A 230 -1.49 -12.11 -15.19
CA GLN A 230 -2.02 -13.46 -15.32
C GLN A 230 -3.42 -13.52 -14.69
N GLY A 231 -4.21 -14.39 -15.32
CA GLY A 231 -5.55 -14.71 -14.89
C GLY A 231 -5.79 -16.21 -15.05
N PRO A 232 -7.03 -16.61 -14.85
CA PRO A 232 -7.41 -18.01 -14.88
C PRO A 232 -7.20 -18.69 -16.24
N HIS A 233 -7.17 -17.90 -17.29
CA HIS A 233 -7.05 -18.34 -18.68
C HIS A 233 -5.82 -17.67 -19.28
N PRO A 234 -5.28 -18.22 -20.34
CA PRO A 234 -4.12 -17.57 -20.95
C PRO A 234 -4.53 -16.37 -21.78
ZN ZN B . 11.31 -0.01 -1.64
CL CL C . 1.46 -19.53 -13.99
#